data_5E4O
#
_entry.id   5E4O
#
_cell.length_a   43.470
_cell.length_b   84.930
_cell.length_c   63.890
_cell.angle_alpha   90.00
_cell.angle_beta   90.00
_cell.angle_gamma   90.00
#
_symmetry.space_group_name_H-M   'P 21 21 2'
#
loop_
_entity.id
_entity.type
_entity.pdbx_description
1 polymer Transthyretin
2 non-polymer '({(Z)-[(3,4-dichlorophenyl)(phenyl)methylidene]amino}oxy)acetic acid'
3 water water
#
_entity_poly.entity_id   1
_entity_poly.type   'polypeptide(L)'
_entity_poly.pdbx_seq_one_letter_code
;CPLMVKVLDAVRGSPAINVAVHVFRKAADDTWEPFASGKTSESGELHGLTTEEEFVEGIYKVEIDTKSYWKALGISPFHE
HAEVVFTANDSGPRRYTIAALLSPYSYSTTAVVTNPK
;
_entity_poly.pdbx_strand_id   A,B
#
# COMPACT_ATOMS: atom_id res chain seq x y z
N CYS A 1 -23.03 -4.78 -5.48
CA CYS A 1 -21.77 -4.12 -5.73
C CYS A 1 -20.66 -4.87 -5.03
N PRO A 2 -19.78 -5.55 -5.87
CA PRO A 2 -18.76 -6.33 -5.16
C PRO A 2 -17.47 -5.63 -4.78
N LEU A 3 -17.25 -4.39 -5.21
CA LEU A 3 -16.02 -3.70 -4.85
C LEU A 3 -16.23 -2.21 -4.68
N MET A 4 -16.02 -1.78 -3.45
N MET A 4 -16.03 -1.79 -3.45
CA MET A 4 -16.33 -0.42 -3.04
CA MET A 4 -16.28 -0.43 -3.05
C MET A 4 -15.06 0.09 -2.35
C MET A 4 -15.00 0.08 -2.38
N VAL A 5 -14.75 1.37 -2.54
CA VAL A 5 -13.56 2.06 -1.94
C VAL A 5 -14.09 3.20 -1.12
N LYS A 6 -13.55 3.36 0.09
CA LYS A 6 -13.91 4.45 1.00
C LYS A 6 -12.62 5.14 1.45
N VAL A 7 -12.50 6.44 1.33
CA VAL A 7 -11.28 7.17 1.67
C VAL A 7 -11.64 8.27 2.68
N LEU A 8 -10.95 8.33 3.80
CA LEU A 8 -11.19 9.34 4.84
C LEU A 8 -9.93 10.12 5.08
N ASP A 9 -10.08 11.38 5.49
CA ASP A 9 -9.01 12.29 5.83
C ASP A 9 -8.90 12.47 7.30
N ALA A 10 -7.78 12.06 7.87
CA ALA A 10 -7.53 12.07 9.29
C ALA A 10 -7.07 13.44 9.84
N VAL A 11 -6.80 14.41 8.97
CA VAL A 11 -6.48 15.77 9.34
C VAL A 11 -7.72 16.61 9.53
N ARG A 12 -8.62 16.50 8.59
CA ARG A 12 -9.84 17.27 8.60
C ARG A 12 -11.00 16.58 9.24
N GLY A 13 -10.95 15.27 9.50
CA GLY A 13 -12.07 14.51 10.00
C GLY A 13 -13.23 14.47 9.06
N SER A 14 -12.94 14.19 7.78
CA SER A 14 -13.93 14.25 6.76
C SER A 14 -13.72 13.12 5.78
N PRO A 15 -14.75 12.74 5.00
N PRO A 15 -14.73 12.83 4.92
CA PRO A 15 -14.44 11.99 3.75
CA PRO A 15 -14.47 12.03 3.71
C PRO A 15 -13.41 12.71 2.90
C PRO A 15 -13.40 12.73 2.90
N ALA A 16 -12.60 11.96 2.15
CA ALA A 16 -11.64 12.48 1.25
C ALA A 16 -12.32 12.46 -0.16
N ILE A 17 -12.68 13.65 -0.64
CA ILE A 17 -13.56 13.81 -1.78
C ILE A 17 -12.69 14.03 -3.04
N ASN A 18 -13.21 13.51 -4.13
CA ASN A 18 -12.60 13.64 -5.43
CA ASN A 18 -12.62 13.63 -5.44
C ASN A 18 -11.23 13.04 -5.55
N VAL A 19 -10.99 11.97 -4.80
CA VAL A 19 -9.71 11.26 -4.85
C VAL A 19 -9.79 10.29 -6.06
N ALA A 20 -8.77 10.29 -6.88
CA ALA A 20 -8.72 9.33 -8.00
C ALA A 20 -8.29 7.96 -7.49
N VAL A 21 -8.97 6.95 -7.98
CA VAL A 21 -8.71 5.57 -7.68
C VAL A 21 -8.56 4.79 -8.99
N HIS A 22 -7.55 3.97 -9.09
CA HIS A 22 -7.36 3.12 -10.25
C HIS A 22 -7.26 1.68 -9.77
N VAL A 23 -7.97 0.79 -10.43
CA VAL A 23 -7.96 -0.63 -10.11
C VAL A 23 -7.32 -1.38 -11.29
N PHE A 24 -6.41 -2.29 -10.97
CA PHE A 24 -5.70 -3.11 -11.96
C PHE A 24 -5.90 -4.56 -11.61
N ARG A 25 -5.84 -5.45 -12.62
CA ARG A 25 -5.90 -6.88 -12.40
C ARG A 25 -4.70 -7.55 -13.05
N LYS A 26 -4.07 -8.47 -12.35
CA LYS A 26 -2.90 -9.13 -12.91
C LYS A 26 -3.30 -10.05 -14.05
N ALA A 27 -2.65 -9.84 -15.18
CA ALA A 27 -2.90 -10.60 -16.39
C ALA A 27 -2.14 -11.91 -16.46
N ALA A 28 -2.38 -12.63 -17.55
CA ALA A 28 -1.74 -13.91 -17.79
C ALA A 28 -0.23 -13.74 -17.87
N ASP A 29 0.25 -12.66 -18.46
CA ASP A 29 1.70 -12.48 -18.58
C ASP A 29 2.36 -11.83 -17.37
N ASP A 30 1.59 -11.63 -16.32
CA ASP A 30 2.07 -11.03 -15.07
C ASP A 30 2.04 -9.52 -15.06
N THR A 31 1.60 -8.93 -16.15
CA THR A 31 1.49 -7.48 -16.23
C THR A 31 0.21 -7.04 -15.53
N TRP A 32 0.21 -5.80 -15.06
CA TRP A 32 -0.97 -5.26 -14.42
C TRP A 32 -1.81 -4.60 -15.47
N GLU A 33 -2.99 -5.15 -15.68
N GLU A 33 -3.02 -5.14 -15.65
CA GLU A 33 -3.88 -4.58 -16.68
CA GLU A 33 -3.96 -4.66 -16.65
C GLU A 33 -4.91 -3.64 -15.99
C GLU A 33 -5.07 -3.76 -16.05
N PRO A 34 -5.17 -2.45 -16.60
N PRO A 34 -5.41 -2.68 -16.78
CA PRO A 34 -6.29 -1.64 -16.11
CA PRO A 34 -6.43 -1.78 -16.30
C PRO A 34 -7.66 -2.34 -16.09
C PRO A 34 -7.68 -2.55 -16.06
N PHE A 35 -8.39 -2.22 -14.98
CA PHE A 35 -9.61 -2.93 -14.66
C PHE A 35 -10.78 -1.95 -14.48
N ALA A 36 -10.59 -0.87 -13.70
CA ALA A 36 -11.66 0.11 -13.50
C ALA A 36 -10.99 1.33 -12.75
N SER A 37 -11.70 2.48 -12.81
CA SER A 37 -11.19 3.67 -12.17
C SER A 37 -12.34 4.61 -11.94
N GLY A 38 -12.12 5.54 -11.05
CA GLY A 38 -13.12 6.54 -10.69
C GLY A 38 -12.62 7.52 -9.65
N LYS A 39 -13.49 8.39 -9.17
N LYS A 39 -13.49 8.41 -9.16
CA LYS A 39 -13.20 9.38 -8.12
CA LYS A 39 -13.12 9.36 -8.11
C LYS A 39 -14.16 9.17 -7.00
C LYS A 39 -14.14 9.39 -7.02
N THR A 40 -13.67 9.42 -5.77
CA THR A 40 -14.57 9.35 -4.62
C THR A 40 -15.58 10.51 -4.64
N SER A 41 -16.72 10.19 -4.12
CA SER A 41 -17.82 11.12 -4.00
C SER A 41 -17.68 12.06 -2.82
N GLU A 42 -18.74 12.84 -2.54
CA GLU A 42 -18.79 13.75 -1.40
CA GLU A 42 -18.71 13.76 -1.42
C GLU A 42 -18.79 12.99 -0.08
N SER A 43 -19.14 11.69 -0.13
CA SER A 43 -19.12 10.82 1.06
C SER A 43 -17.80 10.03 1.14
N GLY A 44 -16.84 10.33 0.25
CA GLY A 44 -15.55 9.60 0.24
C GLY A 44 -15.64 8.19 -0.30
N GLU A 45 -16.69 7.86 -1.00
CA GLU A 45 -16.96 6.53 -1.51
C GLU A 45 -16.96 6.44 -3.03
N LEU A 46 -16.51 5.31 -3.52
CA LEU A 46 -16.47 5.01 -4.92
C LEU A 46 -17.10 3.66 -5.05
N HIS A 47 -18.25 3.62 -5.74
N HIS A 47 -18.21 3.60 -5.79
CA HIS A 47 -19.09 2.44 -5.99
CA HIS A 47 -19.01 2.43 -6.01
C HIS A 47 -19.18 2.30 -7.52
C HIS A 47 -19.08 2.24 -7.56
N GLY A 48 -19.67 1.14 -7.96
CA GLY A 48 -19.93 0.91 -9.40
C GLY A 48 -18.73 0.67 -10.26
N LEU A 49 -17.65 0.19 -9.63
CA LEU A 49 -16.44 -0.08 -10.33
C LEU A 49 -16.57 -1.30 -11.22
N THR A 50 -17.33 -2.31 -10.80
CA THR A 50 -17.37 -3.57 -11.51
C THR A 50 -18.66 -4.28 -11.19
N THR A 51 -18.82 -5.44 -11.80
CA THR A 51 -19.98 -6.23 -11.63
C THR A 51 -19.53 -7.55 -11.13
N GLU A 52 -20.47 -8.30 -10.55
N GLU A 52 -20.50 -8.36 -10.70
CA GLU A 52 -20.11 -9.61 -10.04
CA GLU A 52 -20.20 -9.71 -10.25
C GLU A 52 -19.58 -10.51 -11.15
C GLU A 52 -19.60 -10.54 -11.36
N GLU A 53 -20.14 -10.37 -12.35
N GLU A 53 -20.13 -10.42 -12.58
CA GLU A 53 -19.72 -11.20 -13.45
CA GLU A 53 -19.58 -11.18 -13.68
C GLU A 53 -18.31 -10.86 -13.97
C GLU A 53 -18.13 -10.81 -14.07
N GLU A 54 -17.91 -9.60 -14.00
N GLU A 54 -17.80 -9.52 -14.05
CA GLU A 54 -16.60 -9.32 -14.49
CA GLU A 54 -16.55 -9.01 -14.44
C GLU A 54 -15.49 -9.39 -13.41
C GLU A 54 -15.47 -9.31 -13.39
N PHE A 55 -15.88 -9.32 -12.14
CA PHE A 55 -14.98 -9.39 -11.00
C PHE A 55 -14.63 -10.84 -10.69
N VAL A 56 -13.84 -11.44 -11.58
CA VAL A 56 -13.42 -12.84 -11.46
C VAL A 56 -12.26 -13.04 -10.50
N GLU A 57 -11.95 -14.28 -10.13
N GLU A 57 -11.97 -14.28 -10.11
CA GLU A 57 -10.74 -14.52 -9.35
CA GLU A 57 -10.77 -14.55 -9.34
C GLU A 57 -9.59 -13.84 -9.97
C GLU A 57 -9.53 -13.96 -9.95
N GLY A 58 -8.66 -13.40 -9.13
CA GLY A 58 -7.48 -12.84 -9.60
C GLY A 58 -6.76 -12.00 -8.50
N ILE A 59 -5.63 -11.48 -8.89
CA ILE A 59 -4.88 -10.53 -7.98
C ILE A 59 -5.21 -9.15 -8.52
N TYR A 60 -5.70 -8.26 -7.63
CA TYR A 60 -6.10 -6.93 -7.93
C TYR A 60 -5.28 -5.94 -7.17
N LYS A 61 -5.12 -4.77 -7.76
CA LYS A 61 -4.40 -3.69 -7.13
C LYS A 61 -5.31 -2.46 -7.17
N VAL A 62 -5.53 -1.87 -6.01
CA VAL A 62 -6.31 -0.66 -5.88
C VAL A 62 -5.31 0.44 -5.57
N GLU A 63 -5.12 1.40 -6.46
CA GLU A 63 -4.19 2.51 -6.25
C GLU A 63 -4.98 3.80 -5.99
N ILE A 64 -4.71 4.45 -4.86
CA ILE A 64 -5.43 5.62 -4.45
C ILE A 64 -4.49 6.75 -4.59
N ASP A 65 -4.82 7.78 -5.37
N ASP A 65 -4.82 7.78 -5.35
CA ASP A 65 -3.88 8.88 -5.63
CA ASP A 65 -3.89 8.86 -5.64
C ASP A 65 -3.96 9.91 -4.52
C ASP A 65 -3.90 9.93 -4.56
N THR A 66 -3.30 9.59 -3.43
CA THR A 66 -3.29 10.42 -2.22
C THR A 66 -2.39 11.67 -2.44
N LYS A 67 -1.33 11.58 -3.21
CA LYS A 67 -0.45 12.74 -3.34
C LYS A 67 -1.17 13.95 -4.00
N SER A 68 -1.93 13.73 -5.06
CA SER A 68 -2.74 14.80 -5.64
C SER A 68 -3.72 15.41 -4.64
N TYR A 69 -4.36 14.55 -3.86
CA TYR A 69 -5.27 14.97 -2.80
C TYR A 69 -4.64 15.94 -1.84
N TRP A 70 -3.56 15.54 -1.23
CA TRP A 70 -2.87 16.42 -0.27
C TRP A 70 -2.35 17.70 -0.92
N LYS A 71 -1.82 17.61 -2.12
CA LYS A 71 -1.27 18.77 -2.80
C LYS A 71 -2.36 19.80 -3.01
N ALA A 72 -3.57 19.34 -3.34
CA ALA A 72 -4.68 20.32 -3.51
C ALA A 72 -5.11 20.99 -2.21
N LEU A 73 -4.73 20.46 -1.05
CA LEU A 73 -4.98 21.07 0.23
C LEU A 73 -3.81 21.89 0.71
N GLY A 74 -2.78 22.05 -0.09
CA GLY A 74 -1.56 22.77 0.32
C GLY A 74 -0.46 22.00 1.03
N ILE A 75 -0.65 20.66 1.11
CA ILE A 75 0.23 19.85 1.87
C ILE A 75 1.09 19.03 0.91
N SER A 76 2.38 18.94 1.22
CA SER A 76 3.31 18.13 0.46
C SER A 76 3.43 16.85 1.26
N PRO A 77 2.79 15.76 0.72
CA PRO A 77 2.85 14.52 1.52
C PRO A 77 4.02 13.58 1.24
N PHE A 78 4.23 12.64 2.14
CA PHE A 78 5.28 11.66 1.98
C PHE A 78 5.09 10.62 0.85
N HIS A 79 3.89 10.05 0.77
CA HIS A 79 3.59 8.99 -0.20
C HIS A 79 3.11 9.44 -1.58
N GLU A 80 3.55 8.71 -2.60
CA GLU A 80 3.11 8.97 -3.96
C GLU A 80 1.64 8.58 -4.07
N HIS A 81 1.30 7.45 -3.48
CA HIS A 81 -0.06 6.93 -3.47
C HIS A 81 -0.17 5.80 -2.46
N ALA A 82 -1.39 5.34 -2.18
CA ALA A 82 -1.60 4.19 -1.34
C ALA A 82 -2.04 3.09 -2.27
N GLU A 83 -1.31 1.97 -2.29
N GLU A 83 -1.43 1.93 -2.12
CA GLU A 83 -1.64 0.80 -3.09
CA GLU A 83 -1.70 0.83 -2.99
C GLU A 83 -2.23 -0.28 -2.13
C GLU A 83 -2.14 -0.38 -2.18
N VAL A 84 -3.21 -1.02 -2.61
CA VAL A 84 -3.70 -2.11 -1.88
C VAL A 84 -3.72 -3.32 -2.86
N VAL A 85 -2.99 -4.40 -2.59
CA VAL A 85 -2.93 -5.52 -3.48
C VAL A 85 -3.42 -6.78 -2.84
N PHE A 86 -4.39 -7.44 -3.46
CA PHE A 86 -4.98 -8.62 -2.85
C PHE A 86 -5.55 -9.62 -3.84
N THR A 87 -5.71 -10.85 -3.37
CA THR A 87 -6.31 -11.90 -4.18
C THR A 87 -7.79 -11.83 -3.87
N ALA A 88 -8.63 -11.84 -4.90
CA ALA A 88 -10.06 -11.76 -4.70
C ALA A 88 -10.83 -12.94 -5.26
N ASN A 89 -11.90 -13.31 -4.58
CA ASN A 89 -12.80 -14.39 -5.01
C ASN A 89 -12.14 -15.75 -5.12
N ASP A 90 -11.10 -15.94 -4.32
CA ASP A 90 -10.33 -17.17 -4.28
C ASP A 90 -11.16 -18.36 -3.84
N SER A 91 -12.07 -18.12 -2.90
CA SER A 91 -12.95 -19.15 -2.37
C SER A 91 -14.42 -18.92 -2.73
N GLY A 92 -14.68 -18.33 -3.88
CA GLY A 92 -16.03 -18.03 -4.32
C GLY A 92 -16.23 -16.53 -4.26
N PRO A 93 -17.30 -16.02 -4.85
CA PRO A 93 -17.48 -14.56 -4.82
C PRO A 93 -17.75 -13.96 -3.44
N ARG A 94 -17.21 -12.77 -3.24
CA ARG A 94 -17.36 -12.02 -2.02
C ARG A 94 -17.53 -10.54 -2.36
N ARG A 95 -18.04 -9.76 -1.41
CA ARG A 95 -18.12 -8.32 -1.57
C ARG A 95 -17.00 -7.69 -0.76
N TYR A 96 -16.28 -6.77 -1.38
CA TYR A 96 -15.15 -6.16 -0.72
C TYR A 96 -15.23 -4.67 -0.57
N THR A 97 -14.99 -4.18 0.64
CA THR A 97 -14.83 -2.75 0.85
C THR A 97 -13.37 -2.51 1.22
N ILE A 98 -12.71 -1.70 0.48
CA ILE A 98 -11.34 -1.27 0.73
C ILE A 98 -11.42 0.11 1.32
N ALA A 99 -11.00 0.33 2.55
CA ALA A 99 -11.02 1.56 3.18
C ALA A 99 -9.62 2.07 3.42
N ALA A 100 -9.43 3.34 3.27
CA ALA A 100 -8.15 4.00 3.52
C ALA A 100 -8.32 5.25 4.36
N LEU A 101 -7.51 5.40 5.38
CA LEU A 101 -7.53 6.55 6.25
C LEU A 101 -6.19 7.26 6.03
N LEU A 102 -6.23 8.50 5.59
CA LEU A 102 -5.10 9.25 5.11
C LEU A 102 -4.62 10.36 6.04
N SER A 103 -3.29 10.46 6.20
CA SER A 103 -2.62 11.57 6.81
C SER A 103 -1.42 11.90 5.93
N PRO A 104 -0.80 13.08 6.09
CA PRO A 104 0.24 13.43 5.15
C PRO A 104 1.42 12.47 5.15
N TYR A 105 1.82 11.94 6.31
CA TYR A 105 2.95 11.04 6.37
C TYR A 105 2.59 9.61 6.73
N SER A 106 1.30 9.30 6.70
CA SER A 106 0.87 7.97 7.04
C SER A 106 -0.48 7.61 6.44
N TYR A 107 -0.73 6.33 6.31
CA TYR A 107 -2.02 5.86 5.85
C TYR A 107 -2.30 4.48 6.40
N SER A 108 -3.57 4.18 6.58
CA SER A 108 -4.00 2.90 7.07
C SER A 108 -4.98 2.37 6.06
N THR A 109 -4.94 1.08 5.79
CA THR A 109 -5.88 0.50 4.88
C THR A 109 -6.42 -0.77 5.50
N THR A 110 -7.77 -0.93 5.45
N THR A 110 -7.62 -1.09 5.08
CA THR A 110 -8.39 -2.17 5.90
CA THR A 110 -8.34 -2.13 5.74
C THR A 110 -9.39 -2.68 4.87
C THR A 110 -9.22 -2.74 4.68
N ALA A 111 -9.64 -3.98 4.90
CA ALA A 111 -10.68 -4.59 3.98
C ALA A 111 -11.77 -5.17 4.82
N VAL A 112 -13.00 -4.95 4.45
CA VAL A 112 -14.17 -5.61 5.00
C VAL A 112 -14.68 -6.51 3.90
N VAL A 113 -14.72 -7.80 4.19
CA VAL A 113 -15.10 -8.85 3.17
C VAL A 113 -16.33 -9.54 3.67
N THR A 114 -17.38 -9.54 2.86
CA THR A 114 -18.64 -10.15 3.25
C THR A 114 -19.12 -11.15 2.16
N ASN A 115 -19.97 -12.06 2.60
CA ASN A 115 -20.35 -13.19 1.76
C ASN A 115 -21.70 -12.79 1.21
N PRO A 116 -21.83 -12.63 -0.15
CA PRO A 116 -23.10 -12.30 -0.81
C PRO A 116 -24.32 -12.97 -0.16
N CYS B 1 22.98 5.74 8.63
CA CYS B 1 21.99 4.92 7.97
C CYS B 1 20.81 5.79 7.58
N PRO B 2 20.63 5.99 6.22
CA PRO B 2 19.52 6.88 5.89
C PRO B 2 18.16 6.24 5.64
N LEU B 3 18.05 4.91 5.66
CA LEU B 3 16.79 4.25 5.43
C LEU B 3 16.66 3.01 6.29
N MET B 4 15.64 2.98 7.15
CA MET B 4 15.41 1.85 8.03
C MET B 4 13.95 1.47 7.92
N VAL B 5 13.67 0.23 8.10
CA VAL B 5 12.31 -0.30 8.04
C VAL B 5 12.03 -0.96 9.37
N LYS B 6 10.84 -0.77 9.93
CA LYS B 6 10.43 -1.37 11.13
C LYS B 6 9.04 -1.98 11.02
N VAL B 7 8.84 -3.21 11.34
CA VAL B 7 7.61 -3.96 11.11
C VAL B 7 7.10 -4.54 12.40
N LEU B 8 5.84 -4.27 12.75
CA LEU B 8 5.22 -4.67 14.02
C LEU B 8 4.00 -5.51 13.72
N ASP B 9 3.68 -6.39 14.61
CA ASP B 9 2.57 -7.33 14.52
C ASP B 9 1.51 -6.92 15.53
N ALA B 10 0.34 -6.46 15.04
CA ALA B 10 -0.76 -6.07 15.86
C ALA B 10 -1.60 -7.18 16.50
N VAL B 11 -1.43 -8.42 16.08
CA VAL B 11 -2.14 -9.50 16.62
C VAL B 11 -1.41 -10.04 17.85
N ARG B 12 -0.10 -10.19 17.75
CA ARG B 12 0.69 -10.69 18.85
C ARG B 12 1.37 -9.63 19.72
N GLY B 13 1.25 -8.36 19.35
CA GLY B 13 1.88 -7.31 20.12
C GLY B 13 3.37 -7.50 20.18
N SER B 14 3.94 -7.81 19.03
CA SER B 14 5.36 -8.07 18.96
C SER B 14 5.98 -7.58 17.68
N PRO B 15 7.30 -7.54 17.63
CA PRO B 15 7.95 -7.15 16.40
C PRO B 15 7.67 -8.26 15.39
N ALA B 16 7.57 -7.92 14.12
CA ALA B 16 7.39 -8.89 13.08
C ALA B 16 8.72 -9.36 12.59
N ILE B 17 9.06 -10.62 12.90
N ILE B 17 9.11 -10.60 12.94
CA ILE B 17 10.44 -11.13 12.74
CA ILE B 17 10.48 -11.05 12.72
C ILE B 17 10.53 -11.92 11.47
C ILE B 17 10.55 -11.91 11.48
N ASN B 18 11.67 -11.82 10.77
CA ASN B 18 11.93 -12.56 9.56
CA ASN B 18 11.91 -12.57 9.55
C ASN B 18 11.00 -12.25 8.40
N VAL B 19 10.58 -11.01 8.32
CA VAL B 19 9.75 -10.58 7.24
C VAL B 19 10.64 -10.09 6.08
N ALA B 20 10.36 -10.57 4.88
CA ALA B 20 11.11 -10.12 3.72
C ALA B 20 10.72 -8.74 3.28
N VAL B 21 11.67 -7.89 3.02
CA VAL B 21 11.51 -6.55 2.61
C VAL B 21 12.34 -6.29 1.38
N HIS B 22 11.73 -5.78 0.35
CA HIS B 22 12.41 -5.38 -0.90
C HIS B 22 12.23 -3.90 -1.21
N VAL B 23 13.30 -3.21 -1.53
CA VAL B 23 13.31 -1.83 -1.90
C VAL B 23 13.67 -1.66 -3.37
N PHE B 24 12.94 -0.84 -4.05
CA PHE B 24 13.06 -0.59 -5.50
C PHE B 24 13.23 0.90 -5.68
N ARG B 25 13.93 1.25 -6.75
CA ARG B 25 14.01 2.63 -7.19
CA ARG B 25 13.96 2.63 -7.20
C ARG B 25 13.46 2.72 -8.61
N LYS B 26 12.63 3.73 -8.85
CA LYS B 26 12.08 3.97 -10.17
C LYS B 26 13.19 4.41 -11.11
N ALA B 27 13.19 3.82 -12.30
CA ALA B 27 14.17 4.13 -13.32
C ALA B 27 13.51 4.97 -14.41
N ALA B 28 14.34 5.64 -15.22
CA ALA B 28 13.83 6.48 -16.30
C ALA B 28 13.04 5.58 -17.25
N ASP B 29 13.36 4.29 -17.19
CA ASP B 29 12.71 3.26 -17.98
C ASP B 29 11.24 3.22 -17.56
N ASP B 30 10.95 3.79 -16.37
CA ASP B 30 9.59 3.84 -15.84
C ASP B 30 9.23 2.54 -15.14
N THR B 31 10.23 1.72 -14.91
CA THR B 31 10.04 0.44 -14.25
C THR B 31 10.83 0.42 -12.95
N TRP B 32 10.39 -0.43 -12.03
CA TRP B 32 11.01 -0.56 -10.73
C TRP B 32 12.27 -1.41 -10.84
N GLU B 33 13.40 -0.86 -10.43
N GLU B 33 13.41 -0.84 -10.46
CA GLU B 33 14.68 -1.56 -10.42
CA GLU B 33 14.68 -1.58 -10.42
C GLU B 33 15.00 -1.93 -8.96
C GLU B 33 15.01 -1.93 -8.96
N PRO B 34 15.47 -3.16 -8.74
CA PRO B 34 15.78 -3.55 -7.37
C PRO B 34 16.90 -2.70 -6.82
N PHE B 35 16.76 -2.30 -5.57
CA PHE B 35 17.72 -1.43 -4.90
C PHE B 35 18.39 -2.12 -3.71
N ALA B 36 17.57 -2.68 -2.83
CA ALA B 36 18.06 -3.35 -1.64
C ALA B 36 16.99 -4.28 -1.08
N SER B 37 17.40 -5.23 -0.25
CA SER B 37 16.44 -6.14 0.38
C SER B 37 17.02 -6.75 1.64
N GLY B 38 16.14 -7.27 2.50
CA GLY B 38 16.53 -7.88 3.75
C GLY B 38 15.38 -8.61 4.40
N LYS B 39 15.69 -9.28 5.51
N LYS B 39 15.69 -9.26 5.51
CA LYS B 39 14.67 -9.82 6.37
CA LYS B 39 14.68 -9.80 6.37
C LYS B 39 14.74 -9.05 7.67
C LYS B 39 14.75 -9.04 7.68
N THR B 40 13.59 -8.73 8.29
CA THR B 40 13.62 -8.05 9.56
C THR B 40 14.27 -8.96 10.63
N SER B 41 14.86 -8.27 11.57
CA SER B 41 15.57 -8.89 12.75
C SER B 41 14.62 -9.25 13.81
N GLU B 42 15.16 -9.80 14.93
CA GLU B 42 14.32 -10.14 16.07
C GLU B 42 13.62 -8.94 16.71
N SER B 43 14.09 -7.72 16.40
CA SER B 43 13.46 -6.52 16.89
C SER B 43 12.50 -5.92 15.84
N GLY B 44 12.25 -6.67 14.74
CA GLY B 44 11.42 -6.20 13.63
C GLY B 44 12.00 -5.15 12.77
N GLU B 45 13.32 -4.98 12.78
CA GLU B 45 13.96 -3.93 12.11
C GLU B 45 14.88 -4.37 11.01
N LEU B 46 15.01 -3.55 10.02
CA LEU B 46 15.93 -3.80 8.93
C LEU B 46 16.70 -2.54 8.69
N HIS B 47 18.01 -2.66 8.89
N HIS B 47 18.01 -2.62 8.82
CA HIS B 47 18.98 -1.56 8.78
CA HIS B 47 18.86 -1.46 8.58
C HIS B 47 20.02 -1.89 7.69
C HIS B 47 20.03 -1.89 7.70
N GLY B 48 20.87 -0.91 7.40
CA GLY B 48 21.98 -1.09 6.44
C GLY B 48 21.56 -1.42 5.05
N LEU B 49 20.36 -0.97 4.64
CA LEU B 49 19.88 -1.17 3.29
C LEU B 49 20.68 -0.44 2.21
N THR B 50 21.12 0.76 2.56
CA THR B 50 21.80 1.69 1.65
C THR B 50 22.74 2.66 2.37
N THR B 51 23.46 3.44 1.61
CA THR B 51 24.31 4.45 2.14
C THR B 51 23.80 5.77 1.74
N GLU B 52 24.29 6.76 2.46
CA GLU B 52 24.01 8.14 2.10
C GLU B 52 24.38 8.49 0.62
N GLU B 53 25.50 7.98 0.13
N GLU B 53 25.53 7.98 0.16
CA GLU B 53 25.91 8.30 -1.23
CA GLU B 53 26.01 8.16 -1.23
C GLU B 53 24.96 7.68 -2.26
C GLU B 53 24.98 7.67 -2.23
N GLU B 54 24.57 6.43 -2.06
CA GLU B 54 23.61 5.70 -2.88
C GLU B 54 22.16 6.19 -2.87
N PHE B 55 21.70 6.65 -1.71
CA PHE B 55 20.31 7.08 -1.54
C PHE B 55 20.03 8.51 -2.02
N VAL B 56 20.03 8.66 -3.33
CA VAL B 56 19.78 9.93 -4.00
C VAL B 56 18.29 10.22 -4.13
N GLU B 57 17.96 11.46 -4.50
CA GLU B 57 16.57 11.86 -4.67
C GLU B 57 15.96 10.98 -5.74
N GLY B 58 14.69 10.63 -5.57
CA GLY B 58 14.06 9.77 -6.51
C GLY B 58 12.81 9.17 -5.85
N ILE B 59 12.19 8.32 -6.62
CA ILE B 59 10.95 7.63 -6.13
C ILE B 59 11.35 6.21 -5.78
N TYR B 60 11.00 5.78 -4.56
CA TYR B 60 11.37 4.51 -4.03
C TYR B 60 10.13 3.75 -3.62
N LYS B 61 10.20 2.43 -3.69
CA LYS B 61 9.12 1.57 -3.29
CA LYS B 61 9.11 1.56 -3.29
C LYS B 61 9.69 0.59 -2.29
N VAL B 62 9.04 0.48 -1.13
CA VAL B 62 9.35 -0.48 -0.11
C VAL B 62 8.25 -1.54 -0.08
N GLU B 63 8.58 -2.80 -0.32
N GLU B 63 8.56 -2.77 -0.49
CA GLU B 63 7.58 -3.85 -0.47
CA GLU B 63 7.62 -3.90 -0.45
C GLU B 63 7.78 -4.89 0.62
C GLU B 63 7.87 -4.74 0.78
N ILE B 64 6.81 -5.02 1.52
CA ILE B 64 6.90 -5.86 2.69
C ILE B 64 6.07 -7.12 2.45
N ASP B 65 6.67 -8.30 2.60
N ASP B 65 6.66 -8.32 2.59
CA ASP B 65 6.03 -9.56 2.24
CA ASP B 65 5.98 -9.62 2.29
C ASP B 65 5.15 -10.08 3.40
C ASP B 65 5.15 -10.07 3.47
N THR B 66 4.02 -9.38 3.60
CA THR B 66 3.14 -9.63 4.73
C THR B 66 2.43 -10.96 4.60
N LYS B 67 2.13 -11.39 3.38
CA LYS B 67 1.39 -12.63 3.23
C LYS B 67 2.13 -13.83 3.72
N SER B 68 3.42 -13.91 3.41
CA SER B 68 4.21 -15.01 3.93
C SER B 68 4.33 -15.00 5.44
N TYR B 69 4.33 -13.80 6.01
CA TYR B 69 4.40 -13.71 7.48
C TYR B 69 3.18 -14.30 8.10
N TRP B 70 1.96 -13.91 7.66
CA TRP B 70 0.73 -14.45 8.22
C TRP B 70 0.62 -15.98 7.94
N LYS B 71 1.01 -16.40 6.74
CA LYS B 71 0.95 -17.82 6.42
C LYS B 71 1.78 -18.61 7.41
N ALA B 72 2.93 -18.10 7.80
CA ALA B 72 3.80 -18.76 8.77
C ALA B 72 3.08 -18.94 10.11
N LEU B 73 2.22 -17.98 10.44
CA LEU B 73 1.47 -18.01 11.69
C LEU B 73 0.15 -18.77 11.58
N GLY B 74 -0.17 -19.28 10.40
CA GLY B 74 -1.41 -20.01 10.22
C GLY B 74 -2.65 -19.13 10.21
N ILE B 75 -2.46 -17.86 9.89
CA ILE B 75 -3.54 -16.90 9.86
C ILE B 75 -3.75 -16.48 8.41
N SER B 76 -4.99 -16.55 7.93
CA SER B 76 -5.28 -16.20 6.55
C SER B 76 -5.33 -14.70 6.36
N PRO B 77 -4.32 -14.19 5.52
CA PRO B 77 -4.32 -12.73 5.34
C PRO B 77 -4.96 -12.17 4.06
N PHE B 78 -5.46 -10.94 4.12
CA PHE B 78 -6.05 -10.26 2.95
C PHE B 78 -5.10 -9.78 1.84
N HIS B 79 -4.01 -9.14 2.23
CA HIS B 79 -3.06 -8.56 1.30
C HIS B 79 -1.94 -9.44 0.79
N GLU B 80 -1.57 -9.25 -0.47
CA GLU B 80 -0.46 -9.97 -1.07
C GLU B 80 0.83 -9.51 -0.41
N HIS B 81 0.90 -8.20 -0.20
CA HIS B 81 2.04 -7.55 0.43
C HIS B 81 1.67 -6.12 0.79
N ALA B 82 2.57 -5.42 1.47
CA ALA B 82 2.32 -4.02 1.79
C ALA B 82 3.33 -3.20 1.00
N GLU B 83 2.82 -2.12 0.42
N GLU B 83 2.96 -2.28 0.12
CA GLU B 83 3.57 -1.33 -0.53
CA GLU B 83 3.94 -1.48 -0.61
C GLU B 83 3.73 0.08 0.02
C GLU B 83 3.80 -0.01 -0.30
N VAL B 84 4.94 0.60 0.01
CA VAL B 84 5.05 1.99 0.39
C VAL B 84 5.86 2.67 -0.69
N VAL B 85 5.26 3.63 -1.38
CA VAL B 85 5.93 4.35 -2.46
C VAL B 85 6.06 5.81 -2.07
N PHE B 86 7.27 6.33 -2.16
CA PHE B 86 7.53 7.70 -1.76
C PHE B 86 8.67 8.33 -2.54
N THR B 87 8.80 9.65 -2.43
CA THR B 87 9.87 10.37 -3.08
C THR B 87 10.87 10.80 -2.02
N ALA B 88 12.15 10.50 -2.26
CA ALA B 88 13.20 10.90 -1.33
C ALA B 88 13.61 12.29 -1.78
N ASN B 89 13.70 13.21 -0.83
CA ASN B 89 14.01 14.59 -1.14
C ASN B 89 15.12 15.19 -0.30
N ASP B 90 16.10 15.83 -0.95
CA ASP B 90 17.22 16.46 -0.27
C ASP B 90 16.84 17.62 0.66
N SER B 91 15.80 18.36 0.31
CA SER B 91 15.37 19.49 1.14
C SER B 91 14.96 19.00 2.52
N GLY B 92 14.40 17.81 2.56
CA GLY B 92 13.96 17.21 3.80
C GLY B 92 15.06 16.66 4.67
N PRO B 93 14.69 16.15 5.84
CA PRO B 93 15.68 15.60 6.75
C PRO B 93 16.36 14.36 6.15
N ARG B 94 17.56 14.12 6.64
CA ARG B 94 18.44 13.05 6.22
C ARG B 94 18.01 11.59 6.44
N ARG B 95 17.35 11.30 7.55
CA ARG B 95 17.00 9.93 7.86
C ARG B 95 15.54 9.54 7.70
N TYR B 96 15.31 8.40 7.07
CA TYR B 96 13.96 7.91 6.86
C TYR B 96 13.69 6.56 7.55
N THR B 97 12.66 6.51 8.39
CA THR B 97 12.23 5.28 8.95
C THR B 97 10.84 5.00 8.43
N ILE B 98 10.68 3.90 7.73
CA ILE B 98 9.39 3.43 7.25
C ILE B 98 8.88 2.42 8.21
N ALA B 99 7.78 2.68 8.93
CA ALA B 99 7.21 1.73 9.85
C ALA B 99 5.89 1.16 9.37
N ALA B 100 5.66 -0.10 9.68
CA ALA B 100 4.44 -0.77 9.29
C ALA B 100 3.88 -1.56 10.46
N LEU B 101 2.59 -1.43 10.71
CA LEU B 101 1.91 -2.15 11.78
C LEU B 101 0.99 -3.09 11.02
N LEU B 102 1.15 -4.38 11.23
CA LEU B 102 0.40 -5.38 10.49
C LEU B 102 -0.70 -6.14 11.20
N SER B 103 -1.81 -6.29 10.50
CA SER B 103 -2.94 -7.06 10.94
C SER B 103 -3.30 -7.92 9.72
N PRO B 104 -4.02 -9.07 9.97
CA PRO B 104 -4.31 -9.88 8.77
C PRO B 104 -5.09 -9.17 7.68
N TYR B 105 -6.07 -8.35 8.04
CA TYR B 105 -6.88 -7.63 7.06
C TYR B 105 -6.65 -6.12 6.97
N SER B 106 -5.55 -5.65 7.56
CA SER B 106 -5.24 -4.21 7.60
C SER B 106 -3.79 -3.96 7.82
N TYR B 107 -3.26 -2.89 7.27
N TYR B 107 -3.29 -2.87 7.33
CA TYR B 107 -1.91 -2.41 7.62
CA TYR B 107 -2.00 -2.37 7.76
C TYR B 107 -1.85 -0.89 7.64
C TYR B 107 -2.00 -0.88 7.82
N SER B 108 -1.05 -0.34 8.56
CA SER B 108 -0.83 1.04 8.67
C SER B 108 0.64 1.26 8.34
N THR B 109 0.97 2.37 7.73
CA THR B 109 2.35 2.68 7.54
C THR B 109 2.56 4.11 7.83
N THR B 110 3.72 4.43 8.37
CA THR B 110 4.07 5.83 8.61
C THR B 110 5.53 6.03 8.30
N ALA B 111 5.90 7.24 8.04
CA ALA B 111 7.29 7.62 7.81
C ALA B 111 7.68 8.58 8.89
N VAL B 112 8.88 8.38 9.41
CA VAL B 112 9.42 9.26 10.41
C VAL B 112 10.68 9.78 9.75
N VAL B 113 10.70 11.07 9.45
CA VAL B 113 11.85 11.68 8.77
C VAL B 113 12.54 12.61 9.75
N THR B 114 13.81 12.36 10.01
CA THR B 114 14.58 13.12 10.98
C THR B 114 16.01 13.40 10.55
N ASN B 115 16.67 14.32 11.26
CA ASN B 115 18.04 14.67 10.97
C ASN B 115 19.01 13.98 11.93
#